data_9HY9
#
_entry.id   9HY9
#
_cell.length_a   47.582
_cell.length_b   98.129
_cell.length_c   127.126
_cell.angle_alpha   90.00
_cell.angle_beta   90.00
_cell.angle_gamma   90.00
#
_symmetry.space_group_name_H-M   'P 21 21 21'
#
loop_
_entity.id
_entity.type
_entity.pdbx_description
1 polymer 'Receptor-interacting serine/threonine-protein kinase 1'
2 non-polymer ~{N}-[(1~{S})-1-(2-chloranyl-6-fluoranyl-phenyl)ethyl]-4-fluoranyl-1-[2-fluoranyl-5-(1-methylpyrazol-4-yl)phenyl]carbonyl-piperidine-4-carboxamide
3 non-polymer 'IODIDE ION'
4 non-polymer DI(HYDROXYETHYL)ETHER
5 water water
#
_entity_poly.entity_id   1
_entity_poly.type   'polypeptide(L)'
_entity_poly.pdbx_seq_one_letter_code
;GSGMQPDMSLNVIKMKSSDFLESAELDSGGFGKVSLAFHRTQGLMIMKTVYKGPNCIEHNEALLEEAKMMNRLRHSRVVK
LLGVIIEEGKYSLVMEYMEKGNLMHVLKAEMSTPLSVKGRIILEIIEGMAYLHGKGVIHKDLKPENILVDNDFHIKIADL
GLASFKMWSKLNNEEHNELREVDGTAKKNGGTLYYMAPEHLNDVNAKPTEKSDVYSFAVVLWAIFANKEPYENAIAEQQL
IMAIKSGNRPDVDDITEYCPREIISLMKLCWEANPEARPTFPGIEEKFRPFYLSQLE
;
_entity_poly.pdbx_strand_id   A,B
#
loop_
_chem_comp.id
_chem_comp.type
_chem_comp.name
_chem_comp.formula
A1IX9 non-polymer ~{N}-[(1~{S})-1-(2-chloranyl-6-fluoranyl-phenyl)ethyl]-4-fluoranyl-1-[2-fluoranyl-5-(1-methylpyrazol-4-yl)phenyl]carbonyl-piperidine-4-carboxamide 'C25 H24 Cl F3 N4 O2'
IOD non-polymer 'IODIDE ION' 'I -1'
PEG non-polymer DI(HYDROXYETHYL)ETHER 'C4 H10 O3'
#
# COMPACT_ATOMS: atom_id res chain seq x y z
N ILE A 13 -9.04 21.37 -4.29
CA ILE A 13 -9.16 22.59 -3.41
C ILE A 13 -8.71 23.85 -4.19
N LYS A 14 -9.69 24.66 -4.57
CA LYS A 14 -9.45 25.91 -5.30
C LYS A 14 -8.96 26.97 -4.31
N MET A 15 -7.65 27.23 -4.32
CA MET A 15 -7.03 28.24 -3.43
C MET A 15 -6.97 29.61 -4.08
N LYS A 16 -6.73 30.66 -3.27
CA LYS A 16 -6.53 32.04 -3.75
C LYS A 16 -5.16 32.55 -3.32
N SER A 17 -4.54 33.37 -4.18
CA SER A 17 -3.27 34.07 -3.91
C SER A 17 -3.25 34.82 -2.57
N SER A 18 -4.38 35.43 -2.21
CA SER A 18 -4.57 36.14 -0.92
C SER A 18 -4.53 35.25 0.34
N ASP A 19 -4.62 33.94 0.19
CA ASP A 19 -4.38 32.97 1.28
C ASP A 19 -2.88 32.73 1.60
N PHE A 20 -1.98 33.20 0.73
CA PHE A 20 -0.53 33.12 0.93
C PHE A 20 0.09 34.52 1.12
N LEU A 21 1.01 34.63 2.07
CA LEU A 21 1.94 35.79 2.21
C LEU A 21 2.75 35.61 3.50
N GLY A 32 7.06 28.20 -15.19
CA GLY A 32 7.22 29.32 -14.26
C GLY A 32 8.19 29.05 -13.12
N LYS A 33 8.03 29.82 -12.03
CA LYS A 33 8.93 29.77 -10.86
C LYS A 33 8.36 29.05 -9.64
N VAL A 34 9.28 28.38 -8.93
CA VAL A 34 9.00 27.72 -7.67
C VAL A 34 9.29 28.66 -6.51
N SER A 35 8.31 28.89 -5.66
CA SER A 35 8.52 29.56 -4.37
C SER A 35 7.98 28.74 -3.18
N LEU A 36 8.54 29.04 -2.02
CA LEU A 36 8.14 28.51 -0.73
C LEU A 36 7.10 29.50 -0.21
N ALA A 37 5.94 29.00 0.25
CA ALA A 37 4.77 29.84 0.60
C ALA A 37 4.13 29.43 1.91
N PHE A 38 3.58 30.44 2.62
CA PHE A 38 2.93 30.26 3.92
C PHE A 38 1.40 30.43 3.77
N HIS A 39 0.66 29.32 3.82
CA HIS A 39 -0.81 29.37 3.84
C HIS A 39 -1.28 29.89 5.20
N ARG A 40 -2.27 30.79 5.18
CA ARG A 40 -2.82 31.44 6.38
C ARG A 40 -3.41 30.50 7.45
N THR A 41 -4.10 29.45 7.01
CA THR A 41 -4.66 28.39 7.87
C THR A 41 -3.86 27.08 7.94
N GLN A 42 -3.02 26.81 6.92
CA GLN A 42 -2.44 25.47 6.63
C GLN A 42 -0.90 25.41 6.59
N GLY A 43 -0.21 26.55 6.74
CA GLY A 43 1.25 26.56 6.91
C GLY A 43 2.06 26.40 5.63
N LEU A 44 3.22 25.74 5.75
CA LEU A 44 4.29 25.86 4.76
C LEU A 44 4.10 24.91 3.59
N MET A 45 4.09 25.47 2.37
CA MET A 45 3.95 24.69 1.12
C MET A 45 4.91 25.16 0.05
N ILE A 46 4.98 24.40 -1.06
CA ILE A 46 5.78 24.77 -2.23
C ILE A 46 4.80 25.00 -3.36
N MET A 47 4.99 26.12 -4.07
CA MET A 47 4.09 26.61 -5.11
C MET A 47 4.89 26.76 -6.40
N LYS A 48 4.35 26.22 -7.49
CA LYS A 48 4.84 26.51 -8.84
C LYS A 48 3.74 27.29 -9.54
N THR A 49 4.10 28.49 -9.99
CA THR A 49 3.18 29.35 -10.76
C THR A 49 3.21 29.04 -12.27
N CYS A 56 -6.24 33.37 -20.52
CA CYS A 56 -6.87 32.22 -21.17
C CYS A 56 -8.02 31.65 -20.34
N ILE A 57 -9.22 32.22 -20.50
CA ILE A 57 -10.44 31.75 -19.81
C ILE A 57 -10.95 30.38 -20.29
N GLU A 58 -10.69 30.03 -21.55
CA GLU A 58 -11.16 28.77 -22.17
C GLU A 58 -10.55 27.49 -21.55
N HIS A 59 -9.25 27.52 -21.25
CA HIS A 59 -8.53 26.38 -20.67
C HIS A 59 -8.80 26.10 -19.16
N ASN A 60 -9.44 27.03 -18.44
CA ASN A 60 -9.73 26.90 -17.00
C ASN A 60 -10.54 25.65 -16.60
N GLU A 61 -11.51 25.26 -17.43
CA GLU A 61 -12.29 24.02 -17.20
C GLU A 61 -11.38 22.77 -17.26
N ALA A 62 -10.65 22.64 -18.36
CA ALA A 62 -9.69 21.54 -18.59
C ALA A 62 -8.57 21.47 -17.53
N LEU A 63 -7.98 22.62 -17.19
CA LEU A 63 -6.95 22.70 -16.16
C LEU A 63 -7.44 22.25 -14.78
N LEU A 64 -8.67 22.64 -14.41
CA LEU A 64 -9.28 22.24 -13.14
C LEU A 64 -9.46 20.71 -13.08
N GLU A 65 -10.13 20.15 -14.08
CA GLU A 65 -10.33 18.67 -14.17
C GLU A 65 -8.99 17.90 -14.22
N GLU A 66 -8.02 18.45 -14.94
CA GLU A 66 -6.68 17.87 -14.98
C GLU A 66 -6.03 17.86 -13.60
N ALA A 67 -6.25 18.90 -12.80
CA ALA A 67 -5.82 18.95 -11.40
C ALA A 67 -6.62 17.99 -10.51
N LYS A 68 -7.93 17.84 -10.77
CA LYS A 68 -8.76 16.81 -10.09
C LYS A 68 -8.26 15.38 -10.34
N MET A 69 -7.72 15.12 -11.55
CA MET A 69 -7.01 13.86 -11.86
C MET A 69 -5.71 13.66 -11.08
N MET A 70 -4.93 14.72 -10.91
CA MET A 70 -3.73 14.68 -10.03
C MET A 70 -4.07 14.38 -8.56
N ASN A 71 -5.19 14.92 -8.09
CA ASN A 71 -5.58 14.82 -6.67
C ASN A 71 -6.13 13.45 -6.27
N ARG A 72 -6.61 12.67 -7.24
CA ARG A 72 -7.11 11.31 -6.98
C ARG A 72 -6.02 10.30 -6.61
N LEU A 73 -4.75 10.60 -6.93
CA LEU A 73 -3.61 9.79 -6.58
C LEU A 73 -3.15 10.16 -5.16
N ARG A 74 -3.58 9.34 -4.20
CA ARG A 74 -3.37 9.56 -2.75
C ARG A 74 -2.76 8.28 -2.16
N HIS A 75 -1.53 8.42 -1.70
CA HIS A 75 -0.74 7.32 -1.15
C HIS A 75 0.44 7.97 -0.41
N SER A 76 0.90 7.32 0.66
CA SER A 76 1.97 7.85 1.53
C SER A 76 3.31 8.13 0.79
N ARG A 77 3.55 7.39 -0.27
CA ARG A 77 4.76 7.46 -1.15
C ARG A 77 4.58 8.25 -2.46
N VAL A 78 3.52 9.05 -2.54
CA VAL A 78 3.18 9.82 -3.73
C VAL A 78 2.91 11.23 -3.19
N VAL A 79 3.54 12.27 -3.76
CA VAL A 79 3.26 13.65 -3.35
C VAL A 79 1.81 14.07 -3.57
N LYS A 80 1.34 14.93 -2.68
CA LYS A 80 -0.03 15.38 -2.70
C LYS A 80 -0.07 16.81 -3.23
N LEU A 81 -0.87 16.99 -4.28
CA LEU A 81 -1.35 18.30 -4.71
C LEU A 81 -2.39 18.73 -3.70
N LEU A 82 -2.07 19.76 -2.93
CA LEU A 82 -2.95 20.30 -1.90
C LEU A 82 -3.95 21.30 -2.49
N GLY A 83 -3.55 22.04 -3.52
CA GLY A 83 -4.51 22.72 -4.35
C GLY A 83 -3.95 23.48 -5.53
N VAL A 84 -4.79 24.37 -6.05
CA VAL A 84 -4.55 25.05 -7.32
C VAL A 84 -5.07 26.48 -7.25
N ILE A 85 -4.34 27.40 -7.88
CA ILE A 85 -4.71 28.80 -7.96
C ILE A 85 -5.00 29.05 -9.45
N ILE A 86 -6.27 29.26 -9.78
CA ILE A 86 -6.71 29.72 -11.11
C ILE A 86 -7.30 31.13 -10.92
N GLU A 87 -6.44 32.12 -11.13
CA GLU A 87 -6.82 33.53 -11.18
C GLU A 87 -6.62 34.08 -12.61
N GLU A 88 -7.00 35.33 -12.81
CA GLU A 88 -6.70 36.07 -14.04
C GLU A 88 -5.18 36.31 -14.13
N GLY A 89 -4.54 35.65 -15.09
CA GLY A 89 -3.09 35.81 -15.34
C GLY A 89 -2.11 35.10 -14.40
N LYS A 90 -2.61 34.34 -13.43
CA LYS A 90 -1.79 33.52 -12.53
C LYS A 90 -2.41 32.12 -12.46
N TYR A 91 -1.63 31.13 -12.89
CA TYR A 91 -1.99 29.72 -12.79
C TYR A 91 -0.91 29.03 -11.97
N SER A 92 -1.28 28.53 -10.78
CA SER A 92 -0.32 27.89 -9.86
C SER A 92 -0.81 26.55 -9.32
N LEU A 93 0.15 25.66 -9.07
CA LEU A 93 -0.06 24.36 -8.41
C LEU A 93 0.69 24.41 -7.12
N VAL A 94 0.06 23.85 -6.07
CA VAL A 94 0.57 23.93 -4.70
C VAL A 94 0.65 22.51 -4.13
N MET A 95 1.86 22.11 -3.72
CA MET A 95 2.08 20.80 -3.13
C MET A 95 2.73 20.92 -1.77
N GLU A 96 2.76 19.79 -1.08
CA GLU A 96 3.39 19.72 0.22
C GLU A 96 4.91 19.93 0.09
N TYR A 97 5.45 20.60 1.10
CA TYR A 97 6.87 20.88 1.26
C TYR A 97 7.58 19.63 1.78
N MET A 98 8.60 19.20 1.06
CA MET A 98 9.43 18.02 1.36
C MET A 98 10.81 18.55 1.75
N GLU A 99 11.10 18.53 3.05
CA GLU A 99 12.13 19.36 3.67
C GLU A 99 13.56 19.17 3.12
N LYS A 100 13.92 17.94 2.77
CA LYS A 100 15.27 17.57 2.33
C LYS A 100 15.45 17.48 0.80
N GLY A 101 14.47 17.96 0.03
CA GLY A 101 14.63 18.15 -1.41
C GLY A 101 14.55 16.85 -2.16
N ASN A 102 15.15 16.82 -3.34
CA ASN A 102 15.19 15.62 -4.13
C ASN A 102 16.25 14.60 -3.64
N LEU A 103 16.15 13.39 -4.19
CA LEU A 103 16.95 12.23 -3.78
C LEU A 103 18.43 12.44 -4.08
N MET A 104 18.76 13.01 -5.23
CA MET A 104 20.17 13.26 -5.61
C MET A 104 20.88 14.22 -4.66
N HIS A 105 20.18 15.27 -4.29
CA HIS A 105 20.60 16.23 -3.27
C HIS A 105 20.87 15.59 -1.92
N VAL A 106 20.03 14.66 -1.50
CA VAL A 106 20.26 13.94 -0.22
C VAL A 106 21.50 13.05 -0.34
N LEU A 107 21.58 12.31 -1.44
CA LEU A 107 22.71 11.43 -1.73
C LEU A 107 24.07 12.13 -1.82
N LYS A 108 24.12 13.31 -2.43
CA LYS A 108 25.36 14.10 -2.54
C LYS A 108 25.73 14.93 -1.30
N ALA A 109 24.86 15.01 -0.29
CA ALA A 109 25.17 15.67 1.00
C ALA A 109 26.34 15.00 1.75
N GLU A 110 26.97 15.78 2.62
CA GLU A 110 28.22 15.38 3.31
C GLU A 110 27.94 14.33 4.40
N MET A 111 26.86 14.52 5.14
CA MET A 111 26.30 13.48 6.02
C MET A 111 25.81 12.32 5.12
N SER A 112 26.61 11.24 5.09
CA SER A 112 26.29 10.04 4.29
C SER A 112 25.06 9.32 4.85
N THR A 113 24.37 8.61 3.97
CA THR A 113 23.06 8.04 4.26
C THR A 113 23.25 6.53 4.34
N PRO A 114 23.04 5.92 5.53
CA PRO A 114 23.44 4.52 5.73
C PRO A 114 22.64 3.49 4.93
N LEU A 115 23.25 2.31 4.72
CA LEU A 115 22.65 1.20 3.96
C LEU A 115 21.19 0.91 4.31
N SER A 116 20.86 0.91 5.61
CA SER A 116 19.47 0.67 6.05
C SER A 116 18.47 1.71 5.53
N VAL A 117 18.87 2.97 5.53
CA VAL A 117 18.06 4.08 4.96
C VAL A 117 17.94 4.00 3.41
N LYS A 118 19.04 3.69 2.73
CA LYS A 118 19.00 3.41 1.28
C LYS A 118 18.04 2.28 0.91
N GLY A 119 18.10 1.18 1.67
CA GLY A 119 17.20 0.06 1.47
C GLY A 119 15.75 0.43 1.65
N ARG A 120 15.46 1.20 2.68
CA ARG A 120 14.08 1.67 2.96
C ARG A 120 13.59 2.63 1.84
N ILE A 121 14.48 3.51 1.37
CA ILE A 121 14.22 4.36 0.21
C ILE A 121 13.81 3.52 -0.99
N ILE A 122 14.56 2.44 -1.27
CA ILE A 122 14.21 1.54 -2.33
C ILE A 122 12.83 0.91 -2.16
N LEU A 123 12.54 0.41 -0.95
CA LEU A 123 11.25 -0.20 -0.68
C LEU A 123 10.09 0.80 -0.92
N GLU A 124 10.25 2.01 -0.44
CA GLU A 124 9.27 3.06 -0.59
C GLU A 124 9.04 3.49 -2.02
N ILE A 125 10.11 3.55 -2.82
CA ILE A 125 9.99 3.79 -4.24
C ILE A 125 9.17 2.71 -4.92
N ILE A 126 9.48 1.44 -4.61
CA ILE A 126 8.71 0.31 -5.10
C ILE A 126 7.23 0.43 -4.74
N GLU A 127 6.94 0.80 -3.47
CA GLU A 127 5.54 0.96 -3.01
C GLU A 127 4.86 2.07 -3.78
N GLY A 128 5.53 3.21 -3.95
CA GLY A 128 4.94 4.34 -4.68
C GLY A 128 4.64 3.98 -6.14
N MET A 129 5.57 3.28 -6.78
CA MET A 129 5.42 2.84 -8.15
C MET A 129 4.35 1.78 -8.34
N ALA A 130 4.31 0.82 -7.43
CA ALA A 130 3.25 -0.19 -7.39
C ALA A 130 1.88 0.45 -7.27
N TYR A 131 1.74 1.45 -6.41
CA TYR A 131 0.49 2.20 -6.31
C TYR A 131 0.10 2.91 -7.65
N LEU A 132 1.03 3.62 -8.22
CA LEU A 132 0.78 4.34 -9.47
C LEU A 132 0.37 3.42 -10.62
N HIS A 133 1.13 2.35 -10.81
CA HIS A 133 0.80 1.34 -11.84
C HIS A 133 -0.50 0.62 -11.53
N GLY A 134 -0.82 0.41 -10.25
CA GLY A 134 -2.12 -0.18 -9.85
C GLY A 134 -3.33 0.68 -10.23
N LYS A 135 -3.11 2.01 -10.28
CA LYS A 135 -4.10 2.99 -10.78
C LYS A 135 -4.06 3.24 -12.30
N GLY A 136 -3.32 2.44 -13.06
CA GLY A 136 -3.15 2.65 -14.49
C GLY A 136 -2.33 3.88 -14.89
N VAL A 137 -1.51 4.39 -13.98
CA VAL A 137 -0.65 5.56 -14.22
C VAL A 137 0.77 5.07 -14.53
N ILE A 138 1.31 5.51 -15.67
CA ILE A 138 2.71 5.32 -16.04
C ILE A 138 3.34 6.66 -15.79
N HIS A 139 4.43 6.65 -15.04
CA HIS A 139 5.10 7.89 -14.67
C HIS A 139 5.69 8.55 -15.89
N LYS A 140 6.53 7.81 -16.61
CA LYS A 140 7.25 8.21 -17.85
C LYS A 140 8.59 8.94 -17.66
N ASP A 141 8.85 9.39 -16.45
CA ASP A 141 9.98 10.26 -16.15
C ASP A 141 10.45 10.09 -14.71
N LEU A 142 10.65 8.83 -14.33
CA LEU A 142 11.11 8.49 -12.97
C LEU A 142 12.60 8.75 -13.01
N LYS A 143 13.06 9.45 -11.99
CA LYS A 143 14.46 9.92 -11.91
C LYS A 143 14.65 10.52 -10.52
N PRO A 144 15.91 10.69 -10.08
CA PRO A 144 16.11 11.21 -8.71
C PRO A 144 15.52 12.59 -8.43
N GLU A 145 15.45 13.49 -9.41
CA GLU A 145 14.76 14.79 -9.24
C GLU A 145 13.27 14.67 -8.88
N ASN A 146 12.64 13.59 -9.33
CA ASN A 146 11.26 13.27 -9.05
C ASN A 146 11.04 12.36 -7.81
N ILE A 147 12.08 12.08 -7.03
CA ILE A 147 11.98 11.39 -5.76
C ILE A 147 12.31 12.41 -4.70
N LEU A 148 11.26 12.85 -3.97
CA LEU A 148 11.40 13.86 -2.93
C LEU A 148 11.49 13.27 -1.53
N VAL A 149 12.19 13.96 -0.63
CA VAL A 149 12.63 13.39 0.64
C VAL A 149 12.22 14.30 1.78
N ASP A 150 11.54 13.71 2.79
CA ASP A 150 11.17 14.47 3.97
C ASP A 150 12.30 14.47 5.02
N ASN A 151 12.05 15.19 6.12
CA ASN A 151 13.01 15.39 7.20
C ASN A 151 13.46 14.08 7.89
N ASP A 152 12.57 13.08 7.95
CA ASP A 152 12.88 11.72 8.47
C ASP A 152 13.33 10.74 7.38
N PHE A 153 13.79 11.25 6.22
CA PHE A 153 14.34 10.43 5.13
C PHE A 153 13.32 9.48 4.46
N HIS A 154 12.03 9.82 4.57
CA HIS A 154 11.01 9.08 3.84
C HIS A 154 10.82 9.78 2.51
N ILE A 155 10.40 9.01 1.50
CA ILE A 155 10.31 9.49 0.15
C ILE A 155 8.90 9.53 -0.39
N LYS A 156 8.72 10.41 -1.38
CA LYS A 156 7.52 10.47 -2.19
C LYS A 156 7.87 10.71 -3.63
N ILE A 157 7.18 10.00 -4.50
CA ILE A 157 7.36 10.11 -5.94
C ILE A 157 6.52 11.31 -6.39
N ALA A 158 7.10 12.11 -7.29
CA ALA A 158 6.44 13.26 -7.85
C ALA A 158 6.59 13.29 -9.36
N ASP A 159 5.76 14.09 -9.99
CA ASP A 159 5.81 14.35 -11.41
C ASP A 159 6.03 15.86 -11.62
N LEU A 160 7.22 16.32 -11.27
CA LEU A 160 7.54 17.77 -11.27
C LEU A 160 7.66 18.40 -12.65
N GLY A 161 8.11 17.66 -13.64
CA GLY A 161 8.03 18.07 -15.06
C GLY A 161 6.67 18.06 -15.76
N LEU A 162 5.61 17.60 -15.07
CA LEU A 162 4.25 17.49 -15.60
C LEU A 162 4.16 16.56 -16.84
N ALA A 163 4.89 15.44 -16.81
CA ALA A 163 4.85 14.41 -17.86
C ALA A 163 3.45 13.81 -18.10
N SER A 164 2.65 13.68 -17.02
CA SER A 164 1.28 13.09 -17.06
C SER A 164 0.09 14.09 -17.24
N PHE A 165 0.40 15.35 -17.52
CA PHE A 165 -0.60 16.46 -17.51
C PHE A 165 -0.36 17.47 -18.63
N LYS A 166 -1.10 17.23 -19.73
CA LYS A 166 -0.84 17.87 -21.02
C LYS A 166 -1.00 19.39 -21.01
N MET A 167 -2.16 19.84 -20.52
CA MET A 167 -2.54 21.27 -20.49
C MET A 167 -1.68 22.11 -19.55
N TRP A 168 -1.45 21.61 -18.34
CA TRP A 168 -0.55 22.27 -17.39
C TRP A 168 0.88 22.30 -17.86
N SER A 169 1.32 21.21 -18.48
CA SER A 169 2.64 21.20 -19.12
C SER A 169 2.72 22.17 -20.31
N LYS A 170 1.66 22.24 -21.12
CA LYS A 170 1.61 23.16 -22.29
C LYS A 170 1.67 24.62 -21.82
N LEU A 171 0.85 24.94 -20.82
CA LEU A 171 0.88 26.24 -20.11
C LEU A 171 2.26 26.73 -19.59
N ASN A 172 3.19 25.81 -19.34
CA ASN A 172 4.62 26.16 -19.15
C ASN A 172 5.24 26.45 -20.52
N GLY A 191 21.97 14.59 -19.08
CA GLY A 191 21.40 14.46 -17.73
C GLY A 191 19.94 14.00 -17.66
N THR A 192 19.12 14.72 -18.43
CA THR A 192 17.66 14.47 -18.49
C THR A 192 17.27 13.08 -19.06
N LEU A 193 18.16 12.46 -19.82
CA LEU A 193 17.98 11.16 -20.50
C LEU A 193 18.62 9.94 -19.88
N TYR A 194 19.38 10.10 -18.80
CA TYR A 194 20.07 8.92 -18.16
C TYR A 194 19.18 7.81 -17.61
N TYR A 195 17.92 8.14 -17.28
CA TYR A 195 16.96 7.23 -16.64
C TYR A 195 15.90 6.70 -17.63
N MET A 196 16.04 7.06 -18.91
CA MET A 196 15.00 6.78 -19.92
C MET A 196 15.30 5.47 -20.59
N ALA A 197 14.28 4.62 -20.70
CA ALA A 197 14.43 3.32 -21.35
C ALA A 197 14.85 3.48 -22.82
N PRO A 198 15.72 2.57 -23.34
CA PRO A 198 16.27 2.71 -24.69
C PRO A 198 15.26 2.78 -25.81
N GLU A 199 14.15 2.03 -25.67
CA GLU A 199 13.00 2.15 -26.60
C GLU A 199 12.38 3.55 -26.79
N HIS A 200 12.59 4.49 -25.86
CA HIS A 200 12.16 5.92 -26.01
C HIS A 200 13.25 6.90 -26.54
N LEU A 201 14.50 6.45 -26.54
CA LEU A 201 15.61 7.20 -27.05
C LEU A 201 15.56 7.16 -28.58
N ASN A 202 15.59 8.33 -29.20
CA ASN A 202 15.41 8.50 -30.65
C ASN A 202 14.13 7.82 -31.22
N ASP A 203 13.06 7.79 -30.42
CA ASP A 203 11.78 7.21 -30.84
C ASP A 203 10.73 7.83 -29.90
N VAL A 204 10.33 9.06 -30.24
CA VAL A 204 9.37 9.84 -29.51
C VAL A 204 7.93 9.42 -29.67
N ASN A 205 7.61 8.64 -30.69
CA ASN A 205 6.22 8.28 -30.99
C ASN A 205 5.72 7.01 -30.27
N ALA A 206 6.63 6.08 -29.94
CA ALA A 206 6.29 4.84 -29.21
C ALA A 206 5.75 5.13 -27.80
N LYS A 207 4.69 4.41 -27.43
CA LYS A 207 3.93 4.69 -26.24
C LYS A 207 4.69 4.14 -25.02
N PRO A 208 4.81 4.93 -23.92
CA PRO A 208 5.36 4.38 -22.68
C PRO A 208 4.51 3.27 -22.07
N THR A 209 5.17 2.38 -21.33
CA THR A 209 4.53 1.28 -20.61
C THR A 209 5.11 1.26 -19.20
N GLU A 210 4.61 0.33 -18.42
CA GLU A 210 5.06 0.05 -17.07
C GLU A 210 6.53 -0.32 -17.06
N LYS A 211 6.96 -1.01 -18.11
CA LYS A 211 8.35 -1.39 -18.28
C LYS A 211 9.28 -0.23 -18.49
N SER A 212 8.79 0.88 -19.06
CA SER A 212 9.58 2.13 -19.15
C SER A 212 10.01 2.65 -17.77
N ASP A 213 9.06 2.62 -16.84
CA ASP A 213 9.33 3.00 -15.44
C ASP A 213 10.24 2.00 -14.71
N VAL A 214 10.13 0.73 -15.03
CA VAL A 214 11.04 -0.30 -14.47
C VAL A 214 12.50 -0.03 -14.89
N TYR A 215 12.73 0.34 -16.15
CA TYR A 215 14.05 0.75 -16.58
C TYR A 215 14.56 1.92 -15.75
N SER A 216 13.74 2.97 -15.64
CA SER A 216 14.13 4.14 -14.83
C SER A 216 14.54 3.77 -13.41
N PHE A 217 13.73 2.92 -12.79
CA PHE A 217 13.97 2.44 -11.46
C PHE A 217 15.36 1.83 -11.36
N ALA A 218 15.72 1.02 -12.35
CA ALA A 218 17.01 0.36 -12.40
C ALA A 218 18.17 1.30 -12.26
N VAL A 219 18.10 2.42 -12.98
CA VAL A 219 19.18 3.40 -12.98
C VAL A 219 19.14 4.20 -11.66
N VAL A 220 17.95 4.40 -11.10
CA VAL A 220 17.81 5.01 -9.77
C VAL A 220 18.53 4.17 -8.72
N LEU A 221 18.36 2.84 -8.80
CA LEU A 221 19.09 1.94 -7.92
C LEU A 221 20.60 2.11 -8.02
N TRP A 222 21.12 2.23 -9.23
CA TRP A 222 22.55 2.44 -9.43
C TRP A 222 22.99 3.74 -8.77
N ALA A 223 22.26 4.83 -9.07
CA ALA A 223 22.51 6.17 -8.53
C ALA A 223 22.45 6.25 -7.00
N ILE A 224 21.58 5.45 -6.40
CA ILE A 224 21.46 5.38 -4.97
C ILE A 224 22.73 4.85 -4.32
N PHE A 225 23.34 3.84 -4.93
CA PHE A 225 24.61 3.30 -4.41
C PHE A 225 25.88 4.00 -4.91
N ALA A 226 25.86 4.59 -6.12
CA ALA A 226 27.00 5.38 -6.61
C ALA A 226 27.10 6.78 -6.01
N ASN A 227 25.99 7.33 -5.49
CA ASN A 227 25.92 8.71 -4.97
C ASN A 227 26.16 9.81 -6.03
N LYS A 228 25.83 9.49 -7.28
CA LYS A 228 26.05 10.39 -8.42
C LYS A 228 25.29 9.96 -9.66
N GLU A 229 25.28 10.86 -10.65
CA GLU A 229 24.71 10.58 -11.97
C GLU A 229 25.61 9.55 -12.68
N PRO A 230 25.02 8.61 -13.43
CA PRO A 230 25.86 7.73 -14.26
C PRO A 230 26.47 8.39 -15.50
N TYR A 231 27.32 7.62 -16.19
CA TYR A 231 27.86 7.95 -17.50
C TYR A 231 28.76 9.20 -17.50
N GLU A 232 29.49 9.47 -16.42
CA GLU A 232 30.46 10.59 -16.38
C GLU A 232 31.50 10.64 -17.53
N ASN A 233 32.00 9.48 -17.99
CA ASN A 233 33.06 9.40 -19.05
C ASN A 233 32.55 9.38 -20.52
N ALA A 234 31.24 9.53 -20.73
CA ALA A 234 30.67 9.69 -22.09
C ALA A 234 31.27 10.92 -22.80
N ILE A 235 31.39 10.84 -24.13
CA ILE A 235 32.04 11.89 -24.95
C ILE A 235 31.01 12.92 -25.43
N ALA A 236 29.86 12.43 -25.90
CA ALA A 236 28.76 13.27 -26.43
C ALA A 236 27.41 12.58 -26.25
N GLU A 237 26.32 13.34 -26.38
CA GLU A 237 24.98 12.86 -26.09
C GLU A 237 24.46 11.86 -27.14
N GLN A 238 24.63 12.14 -28.43
CA GLN A 238 24.22 11.21 -29.52
C GLN A 238 25.02 9.90 -29.52
N GLN A 239 26.31 9.99 -29.20
CA GLN A 239 27.15 8.81 -29.04
C GLN A 239 26.60 7.95 -27.89
N LEU A 240 26.38 8.57 -26.74
CA LEU A 240 25.81 7.97 -25.55
C LEU A 240 24.46 7.29 -25.80
N ILE A 241 23.57 8.02 -26.47
CA ILE A 241 22.24 7.55 -26.78
C ILE A 241 22.33 6.27 -27.57
N MET A 242 23.15 6.28 -28.64
CA MET A 242 23.35 5.09 -29.47
C MET A 242 23.98 3.94 -28.70
N ALA A 243 24.99 4.25 -27.90
CA ALA A 243 25.62 3.28 -27.01
C ALA A 243 24.60 2.62 -26.08
N ILE A 244 23.79 3.42 -25.41
CA ILE A 244 22.69 2.94 -24.54
C ILE A 244 21.69 2.05 -25.30
N LYS A 245 21.23 2.52 -26.45
CA LYS A 245 20.37 1.73 -27.34
C LYS A 245 20.97 0.37 -27.80
N SER A 246 22.29 0.32 -27.92
CA SER A 246 23.02 -0.90 -28.23
C SER A 246 23.40 -1.78 -27.02
N GLY A 247 22.99 -1.43 -25.80
CA GLY A 247 23.30 -2.24 -24.57
C GLY A 247 24.15 -1.63 -23.44
N ASN A 248 24.65 -0.41 -23.63
CA ASN A 248 25.50 0.26 -22.63
C ASN A 248 24.64 0.67 -21.46
N ARG A 249 25.24 0.51 -20.27
CA ARG A 249 24.54 0.68 -19.01
C ARG A 249 25.49 1.35 -18.04
N PRO A 250 24.96 1.85 -16.91
CA PRO A 250 25.86 2.43 -15.91
C PRO A 250 26.94 1.47 -15.47
N ASP A 251 28.11 1.99 -15.13
CA ASP A 251 29.27 1.19 -14.77
C ASP A 251 29.08 0.65 -13.37
N VAL A 252 28.75 -0.64 -13.28
CA VAL A 252 28.62 -1.35 -11.97
C VAL A 252 29.88 -1.29 -11.08
N ASP A 253 31.06 -1.32 -11.70
CA ASP A 253 32.34 -1.17 -10.97
C ASP A 253 32.59 0.22 -10.36
N ASP A 254 31.87 1.23 -10.85
CA ASP A 254 31.91 2.60 -10.31
C ASP A 254 31.10 2.83 -8.98
N ILE A 255 30.40 1.79 -8.50
CA ILE A 255 29.89 1.73 -7.13
C ILE A 255 31.09 1.28 -6.28
N THR A 256 31.57 2.16 -5.39
CA THR A 256 32.71 1.90 -4.50
C THR A 256 32.26 1.31 -3.16
N GLU A 257 31.22 1.92 -2.59
CA GLU A 257 30.61 1.46 -1.33
C GLU A 257 29.98 0.06 -1.46
N TYR A 258 29.77 -0.63 -0.34
CA TYR A 258 29.08 -1.92 -0.33
C TYR A 258 27.66 -1.79 -0.91
N CYS A 259 27.41 -2.56 -1.96
CA CYS A 259 26.07 -2.77 -2.51
C CYS A 259 25.80 -4.28 -2.58
N PRO A 260 24.76 -4.78 -1.85
CA PRO A 260 24.50 -6.23 -1.83
C PRO A 260 24.26 -6.82 -3.22
N ARG A 261 24.72 -8.05 -3.43
CA ARG A 261 24.60 -8.76 -4.70
C ARG A 261 23.17 -8.77 -5.32
N GLU A 262 22.18 -8.85 -4.45
CA GLU A 262 20.75 -8.90 -4.81
C GLU A 262 20.29 -7.65 -5.55
N ILE A 263 20.71 -6.50 -5.04
CA ILE A 263 20.40 -5.21 -5.65
C ILE A 263 21.12 -5.07 -7.01
N ILE A 264 22.37 -5.55 -7.11
CA ILE A 264 23.11 -5.54 -8.40
C ILE A 264 22.42 -6.43 -9.45
N SER A 265 22.01 -7.63 -9.05
CA SER A 265 21.16 -8.50 -9.88
C SER A 265 19.87 -7.84 -10.29
N LEU A 266 19.24 -7.14 -9.34
CA LEU A 266 17.97 -6.47 -9.57
C LEU A 266 18.07 -5.32 -10.58
N MET A 267 19.09 -4.47 -10.41
CA MET A 267 19.35 -3.40 -11.36
C MET A 267 19.60 -3.92 -12.78
N LYS A 268 20.41 -4.97 -12.92
CA LYS A 268 20.63 -5.63 -14.25
C LYS A 268 19.38 -6.19 -14.93
N LEU A 269 18.52 -6.87 -14.15
CA LEU A 269 17.22 -7.38 -14.64
C LEU A 269 16.26 -6.24 -15.10
N CYS A 270 16.21 -5.18 -14.29
CA CYS A 270 15.36 -4.06 -14.54
C CYS A 270 15.83 -3.16 -15.70
N TRP A 271 17.14 -3.13 -16.04
CA TRP A 271 17.61 -2.47 -17.27
C TRP A 271 17.85 -3.37 -18.52
N GLU A 272 17.26 -4.58 -18.54
CA GLU A 272 17.24 -5.42 -19.74
C GLU A 272 16.68 -4.70 -20.99
N ALA A 273 17.36 -4.85 -22.13
CA ALA A 273 16.96 -4.21 -23.39
C ALA A 273 15.53 -4.55 -23.79
N ASN A 274 15.17 -5.83 -23.72
CA ASN A 274 13.78 -6.25 -24.03
C ASN A 274 12.88 -5.87 -22.85
N PRO A 275 11.85 -5.01 -23.08
CA PRO A 275 10.90 -4.65 -22.02
C PRO A 275 10.19 -5.85 -21.37
N GLU A 276 9.85 -6.85 -22.16
CA GLU A 276 9.17 -8.06 -21.64
C GLU A 276 10.03 -8.85 -20.64
N ALA A 277 11.36 -8.73 -20.76
CA ALA A 277 12.31 -9.32 -19.79
C ALA A 277 12.45 -8.60 -18.44
N ARG A 278 11.89 -7.40 -18.30
CA ARG A 278 11.94 -6.67 -17.06
C ARG A 278 10.77 -7.11 -16.18
N PRO A 279 10.96 -7.20 -14.85
CA PRO A 279 9.84 -7.56 -13.97
C PRO A 279 8.84 -6.43 -13.79
N THR A 280 7.70 -6.74 -13.19
CA THR A 280 6.74 -5.73 -12.77
C THR A 280 7.13 -5.25 -11.38
N PHE A 281 6.54 -4.12 -10.98
CA PHE A 281 6.73 -3.61 -9.62
C PHE A 281 6.14 -4.47 -8.49
N PRO A 282 4.95 -5.10 -8.70
CA PRO A 282 4.49 -6.16 -7.77
C PRO A 282 5.52 -7.29 -7.67
N GLY A 283 6.05 -7.73 -8.81
CA GLY A 283 7.09 -8.78 -8.82
C GLY A 283 8.36 -8.38 -8.09
N ILE A 284 8.78 -7.12 -8.29
CA ILE A 284 9.94 -6.60 -7.58
C ILE A 284 9.64 -6.53 -6.08
N GLU A 285 8.46 -6.01 -5.69
CA GLU A 285 8.09 -5.86 -4.27
C GLU A 285 8.16 -7.18 -3.48
N GLU A 286 7.73 -8.27 -4.11
CA GLU A 286 7.62 -9.57 -3.43
C GLU A 286 8.95 -10.22 -3.17
N LYS A 287 9.91 -9.98 -4.05
CA LYS A 287 11.30 -10.41 -3.82
C LYS A 287 12.05 -9.42 -2.95
N PHE A 288 11.86 -8.11 -3.14
CA PHE A 288 12.65 -7.11 -2.39
C PHE A 288 12.24 -6.92 -0.92
N ARG A 289 10.94 -6.89 -0.62
CA ARG A 289 10.45 -6.72 0.76
C ARG A 289 11.08 -7.71 1.76
N PRO A 290 11.03 -9.03 1.49
CA PRO A 290 11.64 -9.95 2.47
C PRO A 290 13.16 -9.81 2.57
N PHE A 291 13.83 -9.50 1.45
CA PHE A 291 15.24 -9.19 1.46
C PHE A 291 15.51 -7.98 2.34
N TYR A 292 14.76 -6.90 2.15
CA TYR A 292 14.92 -5.72 3.01
C TYR A 292 14.76 -6.05 4.53
N LEU A 293 13.73 -6.82 4.87
CA LEU A 293 13.39 -7.10 6.29
C LEU A 293 14.47 -7.94 6.99
N SER A 294 14.90 -9.01 6.33
CA SER A 294 15.96 -9.87 6.90
C SER A 294 17.32 -9.16 6.97
N GLN A 295 17.75 -8.54 5.87
CA GLN A 295 19.15 -8.07 5.73
C GLN A 295 19.43 -6.61 6.05
N LEU A 296 18.52 -5.72 5.66
CA LEU A 296 18.77 -4.26 5.68
C LEU A 296 18.10 -3.54 6.83
N GLU A 297 16.86 -3.93 7.16
CA GLU A 297 16.17 -3.41 8.33
C GLU A 297 16.77 -4.04 9.59
N ASN B 11 0.78 -15.72 -10.22
CA ASN B 11 -0.71 -15.93 -10.33
C ASN B 11 -1.17 -17.12 -9.47
N VAL B 12 -2.47 -17.46 -9.51
CA VAL B 12 -3.01 -18.64 -8.79
C VAL B 12 -2.43 -19.91 -9.39
N ILE B 13 -2.15 -20.84 -8.49
CA ILE B 13 -1.67 -22.16 -8.81
C ILE B 13 -2.84 -23.08 -8.50
N LYS B 14 -3.30 -23.83 -9.51
CA LYS B 14 -4.12 -25.03 -9.29
C LYS B 14 -3.21 -26.13 -8.70
N MET B 15 -3.28 -26.30 -7.38
CA MET B 15 -2.51 -27.31 -6.63
C MET B 15 -3.31 -28.60 -6.52
N LYS B 16 -2.59 -29.69 -6.30
CA LYS B 16 -3.17 -31.03 -6.13
C LYS B 16 -2.88 -31.52 -4.72
N SER B 17 -3.82 -32.31 -4.18
CA SER B 17 -3.66 -33.05 -2.91
C SER B 17 -2.32 -33.78 -2.76
N SER B 18 -1.88 -34.41 -3.85
CA SER B 18 -0.61 -35.13 -3.92
C SER B 18 0.68 -34.28 -3.78
N ASP B 19 0.57 -32.96 -3.87
CA ASP B 19 1.67 -32.05 -3.57
C ASP B 19 1.89 -31.78 -2.07
N PHE B 20 0.94 -32.18 -1.23
CA PHE B 20 1.01 -32.06 0.23
C PHE B 20 1.12 -33.43 0.91
N LEU B 21 1.93 -33.48 1.97
CA LEU B 21 2.31 -34.73 2.62
C LEU B 21 1.18 -35.30 3.47
N GLU B 25 -5.50 -31.06 11.79
CA GLU B 25 -6.55 -30.06 11.98
C GLU B 25 -6.19 -29.03 13.08
N LEU B 26 -6.43 -27.74 12.79
CA LEU B 26 -6.20 -26.61 13.71
C LEU B 26 -7.52 -26.11 14.28
N LYS B 33 -12.73 -27.36 7.87
CA LYS B 33 -11.54 -27.94 8.48
C LYS B 33 -10.31 -27.15 8.06
N VAL B 34 -9.66 -26.51 9.03
CA VAL B 34 -8.39 -25.80 8.81
C VAL B 34 -7.26 -26.71 9.24
N SER B 35 -6.36 -27.00 8.31
CA SER B 35 -5.13 -27.71 8.64
C SER B 35 -3.88 -26.94 8.21
N LEU B 36 -2.79 -27.26 8.88
CA LEU B 36 -1.45 -26.86 8.51
C LEU B 36 -0.97 -27.92 7.52
N ALA B 37 -0.43 -27.48 6.38
CA ALA B 37 -0.02 -28.35 5.27
C ALA B 37 1.41 -28.02 4.80
N PHE B 38 2.17 -29.04 4.39
CA PHE B 38 3.54 -28.85 3.86
C PHE B 38 3.56 -29.25 2.39
N HIS B 39 3.68 -28.25 1.52
CA HIS B 39 3.95 -28.44 0.09
C HIS B 39 5.35 -29.02 -0.14
N ARG B 40 5.45 -29.97 -1.08
CA ARG B 40 6.70 -30.71 -1.34
C ARG B 40 7.93 -29.88 -1.72
N THR B 41 7.72 -28.86 -2.57
CA THR B 41 8.77 -27.93 -2.99
C THR B 41 8.70 -26.52 -2.41
N GLN B 42 7.54 -26.14 -1.87
CA GLN B 42 7.22 -24.77 -1.42
C GLN B 42 6.98 -24.61 0.10
N GLY B 43 7.01 -25.71 0.85
CA GLY B 43 7.04 -25.68 2.32
C GLY B 43 5.68 -25.49 2.96
N LEU B 44 5.69 -24.82 4.11
CA LEU B 44 4.58 -24.78 5.02
C LEU B 44 3.51 -23.74 4.64
N MET B 45 2.27 -24.19 4.54
CA MET B 45 1.10 -23.37 4.24
C MET B 45 -0.04 -23.78 5.19
N ILE B 46 -1.15 -23.05 5.09
CA ILE B 46 -2.37 -23.37 5.77
C ILE B 46 -3.42 -23.64 4.72
N MET B 47 -4.19 -24.72 4.91
CA MET B 47 -5.28 -25.16 4.06
C MET B 47 -6.62 -25.03 4.78
N LYS B 48 -7.62 -24.46 4.09
CA LYS B 48 -9.03 -24.57 4.45
C LYS B 48 -9.66 -25.47 3.40
N THR B 49 -10.06 -26.68 3.81
CA THR B 49 -10.74 -27.65 2.99
C THR B 49 -12.21 -27.32 3.19
N VAL B 50 -12.81 -26.78 2.13
CA VAL B 50 -14.11 -26.10 2.13
C VAL B 50 -15.26 -27.10 1.98
N TYR B 51 -15.09 -28.10 1.12
CA TYR B 51 -16.14 -29.07 0.82
C TYR B 51 -15.55 -30.48 0.75
N LYS B 52 -16.25 -31.44 1.38
CA LYS B 52 -15.97 -32.89 1.31
C LYS B 52 -17.29 -33.65 1.08
N GLY B 53 -17.49 -34.17 -0.14
CA GLY B 53 -18.78 -34.77 -0.52
C GLY B 53 -18.89 -35.25 -1.98
N PRO B 54 -20.13 -35.48 -2.50
CA PRO B 54 -20.30 -35.95 -3.90
C PRO B 54 -20.01 -34.89 -4.99
N ASN B 55 -19.51 -35.35 -6.14
CA ASN B 55 -18.91 -34.48 -7.18
C ASN B 55 -19.88 -33.50 -7.88
N CYS B 56 -19.56 -32.20 -7.81
CA CYS B 56 -20.19 -31.13 -8.63
C CYS B 56 -19.16 -30.52 -9.60
N ILE B 57 -19.08 -31.11 -10.80
CA ILE B 57 -18.20 -30.63 -11.88
C ILE B 57 -18.60 -29.27 -12.50
N GLU B 58 -19.89 -28.91 -12.41
CA GLU B 58 -20.44 -27.68 -13.03
C GLU B 58 -19.87 -26.36 -12.47
N HIS B 59 -19.72 -26.28 -11.15
CA HIS B 59 -19.20 -25.06 -10.49
C HIS B 59 -17.67 -24.85 -10.55
N ASN B 60 -16.91 -25.84 -11.05
CA ASN B 60 -15.43 -25.81 -11.07
C ASN B 60 -14.82 -24.58 -11.81
N GLU B 61 -15.44 -24.20 -12.93
CA GLU B 61 -15.06 -22.99 -13.68
C GLU B 61 -15.21 -21.70 -12.84
N ALA B 62 -16.41 -21.50 -12.30
CA ALA B 62 -16.74 -20.35 -11.45
C ALA B 62 -15.90 -20.25 -10.17
N LEU B 63 -15.68 -21.39 -9.49
CA LEU B 63 -14.82 -21.45 -8.29
C LEU B 63 -13.38 -21.03 -8.59
N LEU B 64 -12.85 -21.50 -9.73
CA LEU B 64 -11.49 -21.16 -10.17
C LEU B 64 -11.35 -19.67 -10.41
N GLU B 65 -12.22 -19.12 -11.27
CA GLU B 65 -12.17 -17.71 -11.64
CA GLU B 65 -12.22 -17.68 -11.66
C GLU B 65 -12.39 -16.80 -10.44
N GLU B 66 -13.31 -17.19 -9.55
CA GLU B 66 -13.52 -16.46 -8.32
C GLU B 66 -12.26 -16.39 -7.47
N ALA B 67 -11.52 -17.49 -7.40
CA ALA B 67 -10.22 -17.52 -6.74
C ALA B 67 -9.16 -16.71 -7.48
N LYS B 68 -9.16 -16.73 -8.81
CA LYS B 68 -8.27 -15.83 -9.62
C LYS B 68 -8.52 -14.32 -9.35
N MET B 69 -9.79 -13.98 -9.16
CA MET B 69 -10.23 -12.59 -8.92
C MET B 69 -9.81 -12.07 -7.55
N MET B 70 -9.94 -12.90 -6.53
CA MET B 70 -9.50 -12.55 -5.19
C MET B 70 -7.99 -12.62 -5.05
N ASN B 71 -7.32 -13.40 -5.89
CA ASN B 71 -5.85 -13.38 -6.05
C ASN B 71 -5.28 -12.08 -6.64
N ARG B 72 -6.10 -11.25 -7.29
CA ARG B 72 -5.69 -9.89 -7.70
C ARG B 72 -5.46 -8.88 -6.55
N LEU B 73 -5.96 -9.19 -5.34
CA LEU B 73 -5.77 -8.33 -4.16
C LEU B 73 -4.43 -8.69 -3.52
N ARG B 74 -3.39 -7.94 -3.88
CA ARG B 74 -1.98 -8.21 -3.58
C ARG B 74 -1.35 -6.94 -3.05
N HIS B 75 -0.93 -7.04 -1.80
CA HIS B 75 -0.39 -5.94 -1.04
C HIS B 75 0.27 -6.58 0.20
N SER B 76 1.32 -5.93 0.71
CA SER B 76 2.15 -6.44 1.82
C SER B 76 1.35 -6.70 3.13
N ARG B 77 0.29 -5.95 3.31
CA ARG B 77 -0.68 -5.97 4.42
C ARG B 77 -1.98 -6.74 4.19
N VAL B 78 -2.05 -7.57 3.14
CA VAL B 78 -3.15 -8.49 2.99
C VAL B 78 -2.58 -9.83 2.69
N VAL B 79 -3.23 -10.85 3.22
CA VAL B 79 -2.79 -12.23 3.00
C VAL B 79 -2.95 -12.64 1.53
N LYS B 80 -2.12 -13.56 1.09
CA LYS B 80 -2.10 -14.13 -0.22
C LYS B 80 -2.74 -15.52 -0.20
N LEU B 81 -3.70 -15.71 -1.10
CA LEU B 81 -4.15 -17.03 -1.54
C LEU B 81 -3.05 -17.61 -2.45
N LEU B 82 -2.35 -18.62 -1.99
CA LEU B 82 -1.27 -19.28 -2.74
C LEU B 82 -1.78 -20.30 -3.76
N GLY B 83 -2.87 -20.98 -3.44
CA GLY B 83 -3.45 -21.96 -4.35
C GLY B 83 -4.83 -22.45 -4.04
N VAL B 84 -5.37 -23.19 -4.99
CA VAL B 84 -6.66 -23.84 -4.91
C VAL B 84 -6.50 -25.32 -5.22
N ILE B 85 -7.32 -26.13 -4.58
CA ILE B 85 -7.48 -27.53 -4.86
C ILE B 85 -8.92 -27.67 -5.35
N ILE B 86 -9.06 -27.96 -6.65
CA ILE B 86 -10.35 -28.25 -7.28
C ILE B 86 -10.24 -29.69 -7.80
N GLU B 87 -10.70 -30.63 -6.97
CA GLU B 87 -10.65 -32.06 -7.25
C GLU B 87 -12.05 -32.66 -7.09
N GLU B 88 -12.17 -33.95 -7.42
CA GLU B 88 -13.46 -34.65 -7.38
C GLU B 88 -13.86 -34.87 -5.92
N GLY B 89 -14.89 -34.17 -5.47
CA GLY B 89 -15.36 -34.19 -4.08
C GLY B 89 -14.53 -33.50 -3.01
N LYS B 90 -13.46 -32.77 -3.40
CA LYS B 90 -12.54 -32.10 -2.46
C LYS B 90 -12.24 -30.70 -3.01
N TYR B 91 -12.66 -29.67 -2.26
CA TYR B 91 -12.46 -28.27 -2.66
C TYR B 91 -11.78 -27.56 -1.51
N SER B 92 -10.53 -27.12 -1.72
CA SER B 92 -9.74 -26.46 -0.67
C SER B 92 -9.04 -25.20 -1.17
N LEU B 93 -8.86 -24.25 -0.25
CA LEU B 93 -8.13 -22.99 -0.45
C LEU B 93 -6.86 -23.09 0.38
N VAL B 94 -5.74 -22.65 -0.19
CA VAL B 94 -4.41 -22.69 0.46
C VAL B 94 -3.88 -21.28 0.58
N MET B 95 -3.60 -20.81 1.80
CA MET B 95 -2.97 -19.49 2.03
C MET B 95 -1.64 -19.61 2.73
N GLU B 96 -0.91 -18.50 2.73
CA GLU B 96 0.34 -18.37 3.44
C GLU B 96 0.11 -18.49 4.96
N TYR B 97 1.12 -19.09 5.59
CA TYR B 97 1.11 -19.38 7.01
C TYR B 97 1.70 -18.16 7.71
N MET B 98 0.97 -17.66 8.71
CA MET B 98 1.33 -16.53 9.51
C MET B 98 1.67 -17.03 10.92
N GLU B 99 2.96 -16.95 11.24
CA GLU B 99 3.58 -17.72 12.31
C GLU B 99 2.98 -17.47 13.71
N LYS B 100 2.60 -16.22 14.01
CA LYS B 100 2.07 -15.84 15.34
C LYS B 100 0.55 -15.85 15.49
N GLY B 101 -0.19 -16.30 14.48
CA GLY B 101 -1.66 -16.40 14.56
C GLY B 101 -2.31 -15.03 14.44
N ASN B 102 -3.54 -14.95 14.93
CA ASN B 102 -4.29 -13.73 14.90
C ASN B 102 -3.86 -12.69 15.98
N LEU B 103 -4.41 -11.48 15.82
CA LEU B 103 -4.03 -10.34 16.60
C LEU B 103 -4.40 -10.51 18.09
N MET B 104 -5.58 -11.06 18.37
CA MET B 104 -6.04 -11.25 19.77
C MET B 104 -5.15 -12.21 20.54
N HIS B 105 -4.75 -13.30 19.89
CA HIS B 105 -3.74 -14.24 20.41
C HIS B 105 -2.40 -13.56 20.74
N VAL B 106 -1.93 -12.66 19.88
CA VAL B 106 -0.70 -11.88 20.18
C VAL B 106 -0.88 -10.98 21.40
N LEU B 107 -1.99 -10.26 21.40
CA LEU B 107 -2.34 -9.35 22.46
C LEU B 107 -2.54 -9.99 23.83
N LYS B 108 -3.19 -11.16 23.88
CA LYS B 108 -3.36 -11.94 25.13
C LYS B 108 -2.12 -12.72 25.63
N ALA B 109 -1.08 -12.84 24.80
CA ALA B 109 0.18 -13.50 25.19
C ALA B 109 0.91 -12.80 26.33
N GLU B 110 1.80 -13.56 27.00
CA GLU B 110 2.47 -13.09 28.22
C GLU B 110 3.58 -12.10 27.86
N MET B 111 4.39 -12.42 26.84
CA MET B 111 5.44 -11.54 26.34
C MET B 111 4.78 -10.31 25.71
N SER B 112 4.83 -9.21 26.47
CA SER B 112 4.00 -8.04 26.21
C SER B 112 4.46 -7.25 24.97
N THR B 113 3.55 -6.49 24.38
CA THR B 113 3.76 -5.85 23.08
C THR B 113 3.91 -4.35 23.35
N PRO B 114 5.10 -3.75 23.09
CA PRO B 114 5.30 -2.33 23.40
C PRO B 114 4.48 -1.38 22.51
N LEU B 115 4.23 -0.18 23.03
CA LEU B 115 3.52 0.90 22.34
C LEU B 115 3.98 1.11 20.88
N SER B 116 5.29 1.07 20.65
CA SER B 116 5.88 1.26 19.31
C SER B 116 5.42 0.19 18.32
N VAL B 117 5.34 -1.07 18.76
CA VAL B 117 4.84 -2.18 17.93
C VAL B 117 3.31 -2.09 17.72
N LYS B 118 2.57 -1.74 18.76
CA LYS B 118 1.14 -1.48 18.62
C LYS B 118 0.81 -0.36 17.59
N GLY B 119 1.55 0.73 17.66
CA GLY B 119 1.39 1.84 16.72
C GLY B 119 1.63 1.43 15.28
N ARG B 120 2.69 0.65 15.08
CA ARG B 120 3.00 0.09 13.79
C ARG B 120 1.93 -0.87 13.27
N ILE B 121 1.44 -1.73 14.15
CA ILE B 121 0.29 -2.58 13.85
C ILE B 121 -0.91 -1.76 13.36
N ILE B 122 -1.24 -0.68 14.06
CA ILE B 122 -2.36 0.18 13.65
C ILE B 122 -2.12 0.78 12.22
N LEU B 123 -0.92 1.26 11.98
CA LEU B 123 -0.54 1.85 10.69
C LEU B 123 -0.71 0.83 9.58
N GLU B 124 -0.23 -0.38 9.80
CA GLU B 124 -0.34 -1.46 8.83
C GLU B 124 -1.76 -1.88 8.54
N ILE B 125 -2.59 -1.93 9.58
CA ILE B 125 -4.02 -2.22 9.39
C ILE B 125 -4.68 -1.14 8.50
N ILE B 126 -4.40 0.14 8.81
CA ILE B 126 -4.86 1.28 8.01
C ILE B 126 -4.38 1.14 6.56
N GLU B 127 -3.11 0.77 6.34
CA GLU B 127 -2.57 0.58 4.98
C GLU B 127 -3.32 -0.54 4.27
N GLY B 128 -3.50 -1.67 4.95
CA GLY B 128 -4.23 -2.82 4.42
C GLY B 128 -5.64 -2.46 3.99
N MET B 129 -6.33 -1.73 4.86
CA MET B 129 -7.72 -1.36 4.62
C MET B 129 -7.88 -0.31 3.54
N ALA B 130 -6.97 0.66 3.52
CA ALA B 130 -6.90 1.64 2.45
C ALA B 130 -6.70 1.01 1.07
N TYR B 131 -5.82 0.02 1.01
CA TYR B 131 -5.64 -0.76 -0.24
C TYR B 131 -6.93 -1.49 -0.64
N LEU B 132 -7.57 -2.20 0.28
CA LEU B 132 -8.78 -2.96 -0.08
C LEU B 132 -9.92 -2.05 -0.57
N HIS B 133 -10.16 -0.96 0.17
CA HIS B 133 -11.10 0.06 -0.23
C HIS B 133 -10.75 0.72 -1.54
N GLY B 134 -9.46 0.92 -1.78
CA GLY B 134 -8.99 1.48 -3.07
C GLY B 134 -9.29 0.58 -4.26
N LYS B 135 -9.36 -0.73 -4.05
CA LYS B 135 -9.84 -1.72 -5.04
C LYS B 135 -11.35 -1.93 -5.10
N GLY B 136 -12.14 -1.14 -4.37
CA GLY B 136 -13.60 -1.34 -4.28
C GLY B 136 -14.04 -2.59 -3.56
N VAL B 137 -13.20 -3.10 -2.66
CA VAL B 137 -13.53 -4.18 -1.75
C VAL B 137 -13.88 -3.60 -0.35
N ILE B 138 -15.05 -3.97 0.17
CA ILE B 138 -15.49 -3.70 1.52
C ILE B 138 -15.33 -5.04 2.24
N HIS B 139 -14.62 -5.04 3.36
CA HIS B 139 -14.24 -6.29 4.03
C HIS B 139 -15.48 -6.96 4.57
N LYS B 140 -16.26 -6.22 5.38
CA LYS B 140 -17.58 -6.65 5.95
C LYS B 140 -17.52 -7.33 7.32
N ASP B 141 -16.32 -7.69 7.74
CA ASP B 141 -16.08 -8.50 8.93
C ASP B 141 -14.65 -8.34 9.43
N LEU B 142 -14.24 -7.08 9.57
CA LEU B 142 -12.93 -6.74 10.07
C LEU B 142 -13.03 -6.93 11.59
N LYS B 143 -12.05 -7.65 12.10
CA LYS B 143 -12.00 -8.06 13.51
C LYS B 143 -10.62 -8.66 13.79
N PRO B 144 -10.24 -8.80 15.09
CA PRO B 144 -8.92 -9.34 15.38
C PRO B 144 -8.63 -10.75 14.86
N GLU B 145 -9.62 -11.63 14.76
CA GLU B 145 -9.42 -12.96 14.15
C GLU B 145 -9.02 -12.91 12.69
N ASN B 146 -9.42 -11.85 11.99
CA ASN B 146 -9.03 -11.59 10.59
C ASN B 146 -7.75 -10.75 10.41
N ILE B 147 -7.05 -10.43 11.50
CA ILE B 147 -5.80 -9.69 11.45
C ILE B 147 -4.73 -10.66 11.91
N LEU B 148 -3.93 -11.13 10.95
CA LEU B 148 -2.95 -12.19 11.14
C LEU B 148 -1.53 -11.62 11.25
N VAL B 149 -0.65 -12.31 11.99
CA VAL B 149 0.62 -11.71 12.49
C VAL B 149 1.82 -12.60 12.20
N ASP B 150 2.87 -12.04 11.57
CA ASP B 150 4.10 -12.80 11.34
C ASP B 150 5.07 -12.74 12.54
N ASN B 151 6.17 -13.48 12.47
CA ASN B 151 7.19 -13.57 13.53
C ASN B 151 7.89 -12.24 13.86
N ASP B 152 7.99 -11.33 12.89
CA ASP B 152 8.45 -9.93 13.12
C ASP B 152 7.35 -8.95 13.55
N PHE B 153 6.16 -9.46 13.89
CA PHE B 153 5.00 -8.69 14.32
C PHE B 153 4.43 -7.76 13.25
N HIS B 154 4.66 -8.07 11.97
CA HIS B 154 3.99 -7.38 10.88
C HIS B 154 2.67 -8.12 10.65
N ILE B 155 1.67 -7.35 10.23
CA ILE B 155 0.31 -7.86 10.07
C ILE B 155 -0.16 -7.94 8.63
N LYS B 156 -1.17 -8.78 8.43
CA LYS B 156 -1.85 -8.96 7.18
C LYS B 156 -3.30 -9.19 7.46
N ILE B 157 -4.14 -8.46 6.72
CA ILE B 157 -5.58 -8.58 6.79
C ILE B 157 -6.00 -9.78 5.96
N ALA B 158 -6.95 -10.56 6.48
CA ALA B 158 -7.50 -11.71 5.82
C ALA B 158 -9.02 -11.71 5.89
N ASP B 159 -9.63 -12.55 5.07
CA ASP B 159 -11.08 -12.75 5.05
C ASP B 159 -11.33 -14.23 5.24
N LEU B 160 -11.07 -14.73 6.45
CA LEU B 160 -11.12 -16.17 6.77
C LEU B 160 -12.48 -16.84 6.71
N GLY B 161 -13.54 -16.11 7.02
CA GLY B 161 -14.91 -16.63 6.90
C GLY B 161 -15.54 -16.56 5.50
N LEU B 162 -14.78 -16.14 4.48
CA LEU B 162 -15.29 -16.03 3.10
C LEU B 162 -16.44 -15.04 2.90
N ALA B 163 -16.41 -13.92 3.64
CA ALA B 163 -17.43 -12.83 3.46
C ALA B 163 -17.55 -12.25 2.01
N SER B 164 -16.42 -12.20 1.30
CA SER B 164 -16.31 -11.66 -0.07
C SER B 164 -16.28 -12.70 -1.21
N PHE B 165 -16.18 -14.00 -0.91
CA PHE B 165 -16.13 -15.10 -1.91
C PHE B 165 -17.52 -15.79 -2.02
N LYS B 166 -18.38 -15.34 -2.92
CA LYS B 166 -19.81 -15.79 -2.99
C LYS B 166 -19.98 -17.30 -3.25
N MET B 167 -19.38 -17.77 -4.34
CA MET B 167 -19.42 -19.20 -4.76
C MET B 167 -18.75 -20.17 -3.78
N TRP B 168 -17.56 -19.81 -3.31
CA TRP B 168 -16.88 -20.62 -2.28
C TRP B 168 -17.63 -20.62 -0.94
N SER B 169 -18.23 -19.49 -0.58
CA SER B 169 -19.13 -19.41 0.58
C SER B 169 -20.39 -20.25 0.37
N LYS B 170 -20.96 -20.22 -0.84
CA LYS B 170 -22.11 -21.05 -1.21
C LYS B 170 -21.78 -22.55 -1.08
N LEU B 171 -20.63 -22.93 -1.66
CA LEU B 171 -20.06 -24.28 -1.58
C LEU B 171 -19.89 -24.84 -0.16
N ASN B 172 -19.45 -23.98 0.77
CA ASN B 172 -19.35 -24.32 2.20
C ASN B 172 -20.71 -24.71 2.78
N ASN B 173 -21.74 -23.91 2.51
CA ASN B 173 -23.13 -24.19 2.93
C ASN B 173 -23.97 -24.95 1.88
N GLU B 174 -23.43 -26.03 1.31
CA GLU B 174 -24.17 -26.91 0.36
C GLU B 174 -24.99 -27.94 1.15
N ASN B 177 -22.53 -31.96 1.68
CA ASN B 177 -21.25 -31.58 2.31
C ASN B 177 -21.11 -32.26 3.67
N GLU B 178 -20.00 -32.97 3.87
CA GLU B 178 -19.68 -33.58 5.16
C GLU B 178 -19.19 -32.52 6.18
N LEU B 179 -18.29 -31.64 5.73
CA LEU B 179 -17.77 -30.53 6.56
C LEU B 179 -18.66 -29.28 6.46
N GLY B 191 -20.66 -15.37 13.27
CA GLY B 191 -19.52 -14.63 13.80
C GLY B 191 -19.86 -13.69 14.96
N THR B 192 -18.84 -13.20 15.65
CA THR B 192 -18.95 -12.11 16.67
C THR B 192 -19.56 -10.79 16.12
N LEU B 193 -20.40 -10.15 16.95
CA LEU B 193 -20.96 -8.82 16.69
C LEU B 193 -20.31 -7.64 17.43
N TYR B 194 -19.23 -7.89 18.21
CA TYR B 194 -18.52 -6.82 18.90
C TYR B 194 -17.85 -5.76 17.98
N TYR B 195 -17.58 -6.12 16.72
CA TYR B 195 -16.91 -5.28 15.74
C TYR B 195 -17.83 -4.77 14.65
N MET B 196 -19.11 -5.11 14.73
CA MET B 196 -20.10 -4.82 13.72
C MET B 196 -20.72 -3.45 13.99
N ALA B 197 -20.78 -2.62 12.97
CA ALA B 197 -21.40 -1.27 13.05
C ALA B 197 -22.85 -1.38 13.41
N PRO B 198 -23.35 -0.44 14.28
CA PRO B 198 -24.69 -0.62 14.87
C PRO B 198 -25.82 -0.69 13.89
N GLU B 199 -25.72 0.08 12.79
CA GLU B 199 -26.64 -0.02 11.64
C GLU B 199 -26.86 -1.42 11.01
N HIS B 200 -25.95 -2.38 11.21
CA HIS B 200 -26.12 -3.80 10.76
C HIS B 200 -26.67 -4.78 11.84
N LEU B 201 -26.64 -4.36 13.12
CA LEU B 201 -27.24 -5.13 14.21
C LEU B 201 -28.76 -5.12 14.14
N ASN B 202 -29.40 -6.29 14.29
CA ASN B 202 -30.88 -6.44 14.07
C ASN B 202 -31.39 -5.83 12.75
N ASP B 203 -30.60 -6.02 11.69
CA ASP B 203 -30.96 -5.58 10.34
C ASP B 203 -30.44 -6.64 9.42
N VAL B 204 -31.30 -7.63 9.17
CA VAL B 204 -30.99 -8.80 8.34
C VAL B 204 -30.89 -8.53 6.82
N ASN B 205 -31.43 -7.39 6.37
CA ASN B 205 -31.10 -6.84 5.05
C ASN B 205 -30.02 -5.75 5.19
N ALA B 206 -28.97 -6.05 5.98
CA ALA B 206 -27.82 -5.14 6.21
C ALA B 206 -27.06 -4.88 4.92
N LYS B 207 -26.73 -3.62 4.65
CA LYS B 207 -26.01 -3.21 3.41
C LYS B 207 -24.68 -2.53 3.78
N PRO B 208 -23.60 -3.34 3.96
CA PRO B 208 -22.35 -2.75 4.43
C PRO B 208 -21.70 -1.85 3.42
N THR B 209 -20.99 -0.87 3.94
CA THR B 209 -20.24 0.12 3.21
C THR B 209 -18.83 0.16 3.82
N GLU B 210 -18.03 1.02 3.24
CA GLU B 210 -16.71 1.35 3.72
C GLU B 210 -16.75 1.90 5.14
N LYS B 211 -17.80 2.61 5.49
CA LYS B 211 -17.98 3.14 6.85
C LYS B 211 -18.28 2.05 7.86
N SER B 212 -18.87 0.93 7.42
CA SER B 212 -19.02 -0.26 8.27
C SER B 212 -17.67 -0.79 8.72
N ASP B 213 -16.71 -0.87 7.77
CA ASP B 213 -15.33 -1.29 8.08
C ASP B 213 -14.60 -0.30 9.00
N VAL B 214 -14.87 1.01 8.82
CA VAL B 214 -14.26 2.00 9.73
C VAL B 214 -14.76 1.81 11.20
N TYR B 215 -16.04 1.51 11.39
CA TYR B 215 -16.54 1.17 12.71
C TYR B 215 -15.77 -0.01 13.32
N SER B 216 -15.67 -1.08 12.56
CA SER B 216 -14.90 -2.25 13.01
C SER B 216 -13.48 -1.93 13.45
N PHE B 217 -12.80 -1.12 12.65
CA PHE B 217 -11.48 -0.63 12.95
C PHE B 217 -11.45 0.00 14.36
N ALA B 218 -12.42 0.83 14.65
CA ALA B 218 -12.50 1.56 15.91
C ALA B 218 -12.41 0.65 17.13
N VAL B 219 -13.13 -0.47 17.06
CA VAL B 219 -13.18 -1.41 18.16
C VAL B 219 -11.89 -2.23 18.16
N VAL B 220 -11.29 -2.48 16.99
CA VAL B 220 -9.95 -3.04 16.91
C VAL B 220 -8.95 -2.19 17.65
N LEU B 221 -9.00 -0.89 17.47
CA LEU B 221 -8.10 0.02 18.20
C LEU B 221 -8.25 -0.10 19.71
N TRP B 222 -9.50 -0.17 20.17
CA TRP B 222 -9.76 -0.34 21.59
C TRP B 222 -9.14 -1.63 22.12
N ALA B 223 -9.41 -2.74 21.43
CA ALA B 223 -8.91 -4.06 21.77
C ALA B 223 -7.37 -4.16 21.77
N ILE B 224 -6.72 -3.40 20.88
CA ILE B 224 -5.26 -3.36 20.84
C ILE B 224 -4.70 -2.78 22.16
N PHE B 225 -5.35 -1.75 22.69
CA PHE B 225 -4.95 -1.16 23.98
C PHE B 225 -5.51 -1.85 25.24
N ALA B 226 -6.71 -2.42 25.20
CA ALA B 226 -7.24 -3.23 26.32
C ALA B 226 -6.60 -4.62 26.45
N ASN B 227 -6.04 -5.16 25.38
CA ASN B 227 -5.51 -6.56 25.35
C ASN B 227 -6.60 -7.64 25.54
N LYS B 228 -7.85 -7.30 25.17
CA LYS B 228 -8.99 -8.18 25.36
C LYS B 228 -10.18 -7.74 24.50
N GLU B 229 -11.16 -8.64 24.47
CA GLU B 229 -12.45 -8.41 23.84
C GLU B 229 -13.19 -7.34 24.65
N PRO B 230 -13.94 -6.42 23.98
CA PRO B 230 -14.82 -5.53 24.74
C PRO B 230 -16.08 -6.20 25.31
N TYR B 231 -16.82 -5.43 26.11
CA TYR B 231 -18.15 -5.80 26.59
C TYR B 231 -18.16 -7.03 27.49
N GLU B 232 -17.10 -7.23 28.30
CA GLU B 232 -17.06 -8.38 29.27
C GLU B 232 -18.29 -8.50 30.22
N ASN B 233 -18.85 -7.34 30.66
CA ASN B 233 -20.01 -7.29 31.60
C ASN B 233 -21.40 -7.41 30.99
N ALA B 234 -21.48 -7.40 29.65
CA ALA B 234 -22.75 -7.74 28.96
C ALA B 234 -23.19 -9.17 29.33
N ILE B 235 -24.49 -9.35 29.47
CA ILE B 235 -25.07 -10.59 30.02
C ILE B 235 -25.76 -11.42 28.96
N ALA B 236 -26.52 -10.74 28.10
CA ALA B 236 -27.22 -11.34 27.01
C ALA B 236 -26.97 -10.61 25.73
N GLU B 237 -27.16 -11.35 24.63
CA GLU B 237 -26.92 -10.82 23.29
C GLU B 237 -27.88 -9.69 22.85
N GLN B 238 -29.17 -9.85 23.18
CA GLN B 238 -30.17 -8.81 22.93
C GLN B 238 -29.93 -7.55 23.73
N GLN B 239 -29.48 -7.69 24.98
CA GLN B 239 -29.10 -6.53 25.80
C GLN B 239 -27.98 -5.76 25.09
N LEU B 240 -26.92 -6.48 24.72
CA LEU B 240 -25.75 -5.87 24.07
C LEU B 240 -26.09 -5.18 22.75
N ILE B 241 -26.86 -5.86 21.92
CA ILE B 241 -27.23 -5.34 20.61
C ILE B 241 -27.96 -4.03 20.77
N MET B 242 -28.98 -4.03 21.64
CA MET B 242 -29.78 -2.83 21.89
C MET B 242 -28.98 -1.71 22.54
N ALA B 243 -28.11 -2.07 23.49
CA ALA B 243 -27.19 -1.10 24.11
C ALA B 243 -26.32 -0.40 23.10
N ILE B 244 -25.68 -1.20 22.25
CA ILE B 244 -24.80 -0.69 21.18
C ILE B 244 -25.58 0.21 20.22
N LYS B 245 -26.76 -0.23 19.76
CA LYS B 245 -27.65 0.58 18.92
C LYS B 245 -28.08 1.91 19.53
N SER B 246 -28.23 1.95 20.86
CA SER B 246 -28.50 3.19 21.60
C SER B 246 -27.27 4.06 21.94
N GLY B 247 -26.08 3.70 21.47
CA GLY B 247 -24.85 4.47 21.63
C GLY B 247 -23.76 3.96 22.58
N ASN B 248 -23.95 2.79 23.19
CA ASN B 248 -22.96 2.21 24.10
C ASN B 248 -21.77 1.74 23.26
N ARG B 249 -20.57 1.88 23.84
CA ARG B 249 -19.32 1.58 23.14
C ARG B 249 -18.38 0.88 24.08
N PRO B 250 -17.24 0.36 23.58
CA PRO B 250 -16.28 -0.23 24.51
C PRO B 250 -15.85 0.74 25.57
N ASP B 251 -15.60 0.22 26.78
CA ASP B 251 -15.38 1.06 27.96
C ASP B 251 -13.96 1.62 27.88
N VAL B 252 -13.85 2.89 27.51
CA VAL B 252 -12.59 3.65 27.45
C VAL B 252 -11.80 3.65 28.79
N ASP B 253 -12.51 3.72 29.93
CA ASP B 253 -11.87 3.68 31.28
C ASP B 253 -11.25 2.31 31.60
N ASP B 254 -11.72 1.26 30.93
CA ASP B 254 -11.23 -0.11 31.07
C ASP B 254 -9.90 -0.42 30.32
N ILE B 255 -9.36 0.57 29.58
CA ILE B 255 -7.97 0.57 29.14
C ILE B 255 -7.12 0.97 30.35
N THR B 256 -6.27 0.05 30.81
CA THR B 256 -5.39 0.24 31.99
C THR B 256 -4.00 0.74 31.56
N GLU B 257 -3.46 0.11 30.52
CA GLU B 257 -2.19 0.48 29.86
C GLU B 257 -2.26 1.91 29.27
N TYR B 258 -1.11 2.54 29.12
CA TYR B 258 -1.05 3.86 28.44
C TYR B 258 -1.56 3.73 26.97
N CYS B 259 -2.63 4.47 26.66
CA CYS B 259 -3.11 4.75 25.32
C CYS B 259 -3.07 6.27 25.09
N PRO B 260 -2.31 6.76 24.09
CA PRO B 260 -2.24 8.23 23.80
C PRO B 260 -3.63 8.85 23.58
N ARG B 261 -3.80 10.09 24.03
CA ARG B 261 -5.08 10.83 23.89
C ARG B 261 -5.65 10.84 22.46
N GLU B 262 -4.74 10.93 21.49
CA GLU B 262 -5.02 10.98 20.06
C GLU B 262 -5.72 9.73 19.54
N ILE B 263 -5.21 8.58 19.96
CA ILE B 263 -5.77 7.28 19.60
C ILE B 263 -7.17 7.09 20.18
N ILE B 264 -7.39 7.56 21.43
CA ILE B 264 -8.71 7.60 22.05
C ILE B 264 -9.68 8.49 21.26
N SER B 265 -9.24 9.68 20.85
CA SER B 265 -10.03 10.54 19.95
C SER B 265 -10.36 9.85 18.63
N LEU B 266 -9.39 9.13 18.09
CA LEU B 266 -9.54 8.41 16.84
C LEU B 266 -10.54 7.26 16.90
N MET B 267 -10.46 6.43 17.95
CA MET B 267 -11.45 5.36 18.15
C MET B 267 -12.87 5.93 18.32
N LYS B 268 -13.02 7.01 19.11
CA LYS B 268 -14.34 7.71 19.26
C LYS B 268 -14.95 8.24 17.96
N LEU B 269 -14.11 8.88 17.14
CA LEU B 269 -14.49 9.38 15.81
C LEU B 269 -14.87 8.27 14.84
N CYS B 270 -14.09 7.19 14.85
CA CYS B 270 -14.34 6.01 14.04
C CYS B 270 -15.57 5.17 14.48
N TRP B 271 -15.99 5.24 15.76
CA TRP B 271 -17.24 4.54 16.19
C TRP B 271 -18.50 5.37 16.37
N GLU B 272 -18.47 6.56 15.78
CA GLU B 272 -19.61 7.45 15.66
C GLU B 272 -20.85 6.73 15.09
N ALA B 273 -22.00 6.96 15.72
CA ALA B 273 -23.27 6.34 15.33
C ALA B 273 -23.62 6.60 13.86
N ASN B 274 -23.48 7.86 13.43
CA ASN B 274 -23.74 8.23 12.03
C ASN B 274 -22.54 7.76 11.18
N PRO B 275 -22.76 6.85 10.21
CA PRO B 275 -21.68 6.42 9.32
C PRO B 275 -21.02 7.54 8.52
N GLU B 276 -21.80 8.52 8.08
CA GLU B 276 -21.26 9.65 7.30
C GLU B 276 -20.24 10.50 8.09
N ALA B 277 -20.40 10.54 9.42
CA ALA B 277 -19.45 11.20 10.32
C ALA B 277 -18.14 10.46 10.63
N ARG B 278 -18.03 9.19 10.22
CA ARG B 278 -16.78 8.44 10.37
C ARG B 278 -15.84 8.79 9.23
N PRO B 279 -14.51 8.89 9.49
CA PRO B 279 -13.57 9.23 8.40
C PRO B 279 -13.34 8.01 7.50
N THR B 280 -12.70 8.23 6.38
CA THR B 280 -12.24 7.13 5.50
C THR B 280 -10.86 6.64 6.04
N PHE B 281 -10.42 5.53 5.50
CA PHE B 281 -9.04 5.01 5.78
C PHE B 281 -7.89 5.86 5.24
N PRO B 282 -8.03 6.45 4.02
CA PRO B 282 -7.05 7.47 3.62
C PRO B 282 -7.04 8.65 4.58
N GLY B 283 -8.22 9.11 5.01
CA GLY B 283 -8.34 10.21 6.00
C GLY B 283 -7.67 9.87 7.33
N ILE B 284 -7.87 8.64 7.78
CA ILE B 284 -7.22 8.14 8.97
C ILE B 284 -5.72 8.07 8.77
N GLU B 285 -5.26 7.53 7.65
CA GLU B 285 -3.81 7.40 7.36
C GLU B 285 -3.03 8.71 7.44
N GLU B 286 -3.64 9.80 6.95
CA GLU B 286 -2.98 11.11 6.88
C GLU B 286 -2.78 11.75 8.25
N LYS B 287 -3.72 11.51 9.16
CA LYS B 287 -3.62 11.97 10.55
C LYS B 287 -2.81 10.99 11.39
N PHE B 288 -2.95 9.67 11.18
CA PHE B 288 -2.21 8.70 11.96
C PHE B 288 -0.72 8.56 11.66
N ARG B 289 -0.37 8.53 10.38
CA ARG B 289 1.05 8.32 9.99
C ARG B 289 2.02 9.31 10.62
N PRO B 290 1.77 10.64 10.52
CA PRO B 290 2.74 11.56 11.14
C PRO B 290 2.74 11.53 12.67
N PHE B 291 1.58 11.25 13.26
CA PHE B 291 1.50 11.00 14.71
C PHE B 291 2.37 9.80 15.07
N TYR B 292 2.22 8.69 14.35
CA TYR B 292 3.05 7.49 14.57
C TYR B 292 4.54 7.79 14.48
N LEU B 293 4.94 8.53 13.43
CA LEU B 293 6.36 8.79 13.18
C LEU B 293 7.00 9.67 14.25
N SER B 294 6.33 10.75 14.64
CA SER B 294 6.88 11.65 15.67
C SER B 294 6.89 11.00 17.06
N GLN B 295 5.76 10.40 17.46
CA GLN B 295 5.52 10.02 18.88
C GLN B 295 5.79 8.55 19.21
N LEU B 296 5.38 7.64 18.32
CA LEU B 296 5.32 6.20 18.65
C LEU B 296 6.51 5.39 18.15
N GLU B 297 6.98 5.70 16.93
CA GLU B 297 8.21 5.10 16.39
C GLU B 297 9.44 5.56 17.17
C2 A1IX9 C . 3.89 21.90 -7.61
C3 A1IX9 C . 4.44 21.15 -8.66
C4 A1IX9 C . 3.59 20.34 -9.54
C6 A1IX9 C . 1.88 18.61 -10.13
C7 A1IX9 C . 2.19 17.12 -10.05
C8 A1IX9 C . 1.94 16.63 -8.62
N10 A1IX9 C . 1.23 14.29 -8.38
C11 A1IX9 C . 1.48 12.85 -8.27
C15 A1IX9 C . 0.81 12.37 -10.65
C17 A1IX9 C . 0.97 11.73 -11.88
C18 A1IX9 C . 2.04 10.89 -12.08
C19 A1IX9 C . 2.93 10.67 -11.05
C24 A1IX9 C . 2.84 17.41 -7.66
O26 A1IX9 C . 3.67 20.67 -10.72
C27 A1IX9 C . 5.83 21.20 -8.93
C30 A1IX9 C . 8.78 21.98 -9.56
C32 A1IX9 C . 11.16 22.08 -10.33
C34 A1IX9 C . 9.12 22.30 -7.36
C35 A1IX9 C . 6.10 22.69 -7.09
C36 A1IX9 C . 4.74 22.66 -6.83
F1 A1IX9 C . 2.56 21.87 -7.29
N5 A1IX9 C . 2.72 19.36 -9.15
C9 A1IX9 C . 2.25 15.17 -8.54
C13 A1IX9 C . 0.23 12.23 -7.61
C14 A1IX9 C . 1.71 12.17 -9.60
F16 A1IX9 C . -0.23 13.18 -10.48
C20 A1IX9 C . 2.77 11.31 -9.82
CL21 A1IX9 C . 3.96 10.95 -8.62
O22 A1IX9 C . 3.41 14.82 -8.64
F23 A1IX9 C . 0.60 16.86 -8.26
C25 A1IX9 C . 2.54 18.90 -7.74
C28 A1IX9 C . 6.67 21.98 -8.15
C29 A1IX9 C . 8.13 22.08 -8.36
N31 A1IX9 C . 10.10 22.13 -9.32
N33 A1IX9 C . 10.29 22.32 -7.94
I IOD D . 10.89 20.60 -3.78
I IOD E . 29.94 7.28 -25.52
I IOD F . 15.76 -8.60 -4.47
I IOD G . 4.76 -7.90 -0.57
C1 PEG H . -2.86 1.69 -0.62
O1 PEG H . -3.73 2.61 -1.28
C2 PEG H . -2.32 0.72 -1.66
O2 PEG H . -1.16 1.11 -2.39
C3 PEG H . -0.67 0.12 -3.34
C4 PEG H . -1.61 -0.16 -4.51
O4 PEG H . -1.04 -0.93 -5.58
C2 A1IX9 I . -7.48 -20.45 3.66
C3 A1IX9 I . -8.56 -19.63 4.07
C4 A1IX9 I . -9.36 -18.82 3.11
C6 A1IX9 I . -9.73 -17.10 1.34
C7 A1IX9 I . -9.55 -15.64 1.76
C8 A1IX9 I . -8.13 -15.20 1.46
N10 A1IX9 I . -7.78 -12.92 0.59
C11 A1IX9 I . -7.64 -11.47 0.79
C15 A1IX9 I . -10.01 -11.08 0.05
C17 A1IX9 I . -11.26 -10.46 0.17
C18 A1IX9 I . -11.51 -9.56 1.20
C19 A1IX9 I . -10.50 -9.27 2.11
C24 A1IX9 I . -7.21 -15.99 2.39
O26 A1IX9 I . -10.56 -19.03 3.13
C27 A1IX9 I . -8.90 -19.57 5.45
C30 A1IX9 I . -9.67 -20.26 8.49
C32 A1IX9 I . -10.44 -20.17 10.88
C34 A1IX9 I . -7.46 -20.22 8.87
C35 A1IX9 I . -7.11 -21.08 5.96
C36 A1IX9 I . -6.76 -21.17 4.62
F1 A1IX9 I . -7.11 -20.55 2.37
N5 A1IX9 I . -8.86 -17.87 2.24
C9 A1IX9 I . -8.01 -13.73 1.66
C13 A1IX9 I . -6.90 -10.86 -0.40
C14 A1IX9 I . -8.99 -10.80 0.96
F16 A1IX9 I . -9.78 -11.96 -0.95
C20 A1IX9 I . -9.27 -9.90 1.99
CL21 A1IX9 I . -8.06 -9.48 3.15
O22 A1IX9 I . -8.12 -13.28 2.78
F23 A1IX9 I . -7.84 -15.52 0.12
C25 A1IX9 I . -7.43 -17.49 2.11
C28 A1IX9 I . -8.17 -20.32 6.40
C29 A1IX9 I . -8.45 -20.29 7.86
N31 A1IX9 I . -9.43 -20.19 9.82
N33 A1IX9 I . -8.05 -20.17 10.03
I IOD J . -0.19 9.50 4.29
I IOD K . -4.28 10.38 14.97
I IOD L . -3.90 -18.93 10.54
I IOD M . -6.13 5.03 29.39
I IOD N . -7.43 -15.58 21.65
#